data_6Y4G
#
_entry.id   6Y4G
#
_cell.length_a   64.030
_cell.length_b   64.030
_cell.length_c   225.780
_cell.angle_alpha   90.000
_cell.angle_beta   90.000
_cell.angle_gamma   120.000
#
_symmetry.space_group_name_H-M   'P 32 2 1'
#
loop_
_entity.id
_entity.type
_entity.pdbx_description
1 polymer 'N6-adenosine-methyltransferase catalytic subunit'
2 polymer 'N6-adenosine-methyltransferase non-catalytic subunit'
3 non-polymer SINEFUNGIN
4 non-polymer 'ACETATE ION'
5 water water
#
loop_
_entity_poly.entity_id
_entity_poly.type
_entity_poly.pdbx_seq_one_letter_code
_entity_poly.pdbx_strand_id
1 'polypeptide(L)'
;MSDTWSSIQAHKKQLDSLRERLQRRRKQDSGHLDLRNPEAALSPTFRSDSPVPTAPTSGGPKPSTASAVPELATDPELEK
KLLHHLSDLALTLPTDAVSICLAISTPDAPATQDGVESLLQKFAAQELIEVKRGLLQDDAHPTLVTYADHSKLSAMMGAV
AEKKGPGEVAGTVTGQKRRAEQDSTTVAAFASSLVSGLNSSASEPAKEPAKKSRKHAASDVDLEIESLLNQQSTKEQQSK
KVSQEILELLNTTTAKEQSIVEKFRSRGRAQVQEFCDYGTKEECMKASDADRPCRKLHFRRIINKHTDESLGDCSFLNTC
FHMDTCKYVHYEIDACMDSEAPGSKDHTPSQELALTQSVGGDSSADRLFPPQWICCDIRYLDVSILGKFAVVMADPPWDI
HMELPYGTLTDDEMRRLNIPVLQDDGFLFLWVTGRAMELGRECLNLWGYERVDEIIWVKTNQLQRIIRTGRTGHWLNHGK
EHCLVGVKGNPQGFNQGLDCDVIVAEVRSTSHKPDEIYGMIERLSPGTRKIELFGRPHNVQPNWITLGNQLDGIHLLDPD
VVARFKQRYPDGIISKPKNL
;
A
2 'polypeptide(L)'
;MDSRLQEIRERQKLRRQLLAQQLGAESADSIGAVLNSKDEQREIAETRETCRASYDTSAPNAKRKYLDEGETDEDKMEEY
KDELEMQQDEENLPYEEEIYKDSSTFLKGTQSLNPHNDYCQHFVDTGHRPQNFIRDVGLADRFEEYPKLRELIRLKDELI
AKSNTPPMYLQADIEAFDIRELTPKFDVILLEPPLEEYYRETGITANEKCWTWDDIMKLEIDEIAAPRSFIFLWCGSGEG
LDLGRVCLRKWGYRRCEDICWIKTNKNNPGKTKTLDPKAVFQRTKEHCLMGIKGTVKRSTDGDFIHANVDIDLIITEEPE
IGNIEKPVEIFHIIEHFCLGRRRLHLFGRDSTIRPGWLTVGPTLTNSNYNAETYASYFSAPNSYLTGCTEEIERLRPKSP
PPKSKSDRGGGAPRGGGRGGTSAGRGRERNRSNFRGERGGFRGGRGGAHRGGFPPR
;
B
#
loop_
_chem_comp.id
_chem_comp.type
_chem_comp.name
_chem_comp.formula
ACT non-polymer 'ACETATE ION' 'C2 H3 O2 -1'
SFG non-polymer SINEFUNGIN 'C15 H23 N7 O5'
#
# COMPACT_ATOMS: atom_id res chain seq x y z
N LEU A 368 4.65 17.31 -29.92
CA LEU A 368 3.53 18.22 -30.19
C LEU A 368 2.49 18.19 -29.07
N PHE A 369 2.35 19.35 -28.42
CA PHE A 369 1.66 19.47 -27.13
C PHE A 369 0.24 18.91 -27.06
N PRO A 370 -0.66 19.08 -28.04
CA PRO A 370 -2.08 18.66 -27.83
C PRO A 370 -2.22 17.16 -27.66
N PRO A 371 -3.37 16.69 -27.16
CA PRO A 371 -3.54 15.23 -26.93
C PRO A 371 -3.39 14.43 -28.21
N GLN A 372 -2.77 13.25 -28.08
CA GLN A 372 -2.58 12.32 -29.17
C GLN A 372 -2.97 10.93 -28.68
N TRP A 373 -3.42 10.07 -29.59
CA TRP A 373 -3.82 8.73 -29.17
C TRP A 373 -3.76 7.75 -30.33
N ILE A 374 -3.74 6.47 -29.99
CA ILE A 374 -3.71 5.37 -30.95
C ILE A 374 -4.62 4.28 -30.41
N CYS A 375 -5.74 4.04 -31.10
CA CYS A 375 -6.53 2.85 -30.82
C CYS A 375 -5.72 1.63 -31.25
N CYS A 376 -5.41 0.74 -30.31
CA CYS A 376 -4.59 -0.42 -30.64
C CYS A 376 -4.87 -1.54 -29.64
N ASP A 377 -4.41 -2.73 -30.00
CA ASP A 377 -4.19 -3.79 -29.04
C ASP A 377 -2.76 -3.61 -28.55
N ILE A 378 -2.64 -3.26 -27.27
CA ILE A 378 -1.34 -2.93 -26.73
C ILE A 378 -0.42 -4.15 -26.73
N ARG A 379 -0.98 -5.36 -26.81
CA ARG A 379 -0.16 -6.55 -26.94
C ARG A 379 0.60 -6.57 -28.26
N TYR A 380 0.06 -5.94 -29.32
CA TYR A 380 0.58 -6.12 -30.66
C TYR A 380 1.19 -4.86 -31.27
N LEU A 381 0.92 -3.68 -30.73
CA LEU A 381 1.55 -2.47 -31.26
C LEU A 381 3.07 -2.54 -31.09
N ASP A 382 3.78 -2.16 -32.14
CA ASP A 382 5.23 -1.94 -32.07
C ASP A 382 5.45 -0.59 -31.39
N VAL A 383 5.67 -0.62 -30.06
CA VAL A 383 5.81 0.63 -29.32
C VAL A 383 7.16 1.31 -29.54
N SER A 384 8.09 0.67 -30.25
CA SER A 384 9.35 1.31 -30.59
C SER A 384 9.16 2.56 -31.44
N ILE A 385 8.05 2.67 -32.18
CA ILE A 385 7.86 3.85 -33.03
C ILE A 385 7.53 5.11 -32.24
N LEU A 386 7.28 4.99 -30.94
CA LEU A 386 6.74 6.08 -30.14
C LEU A 386 7.80 6.96 -29.50
N GLY A 387 9.06 6.51 -29.47
CA GLY A 387 10.11 7.29 -28.85
C GLY A 387 10.19 7.04 -27.35
N LYS A 388 10.84 7.95 -26.64
CA LYS A 388 11.14 7.81 -25.23
C LYS A 388 10.33 8.83 -24.43
N PHE A 389 9.98 8.46 -23.20
CA PHE A 389 9.04 9.25 -22.42
C PHE A 389 9.59 9.50 -21.02
N ALA A 390 9.35 10.71 -20.52
CA ALA A 390 9.72 11.03 -19.15
C ALA A 390 8.86 10.29 -18.14
N VAL A 391 7.60 10.01 -18.47
CA VAL A 391 6.66 9.36 -17.56
C VAL A 391 5.80 8.40 -18.35
N VAL A 392 5.63 7.18 -17.82
CA VAL A 392 4.68 6.20 -18.31
C VAL A 392 3.62 5.99 -17.22
N MET A 393 2.36 5.93 -17.62
CA MET A 393 1.30 5.52 -16.69
C MET A 393 0.48 4.39 -17.29
N ALA A 394 0.15 3.38 -16.48
CA ALA A 394 -0.65 2.27 -16.99
C ALA A 394 -1.72 1.86 -16.00
N ASP A 395 -2.89 1.52 -16.52
CA ASP A 395 -3.99 1.01 -15.70
C ASP A 395 -4.47 -0.30 -16.32
N PRO A 396 -3.66 -1.36 -16.23
CA PRO A 396 -3.91 -2.55 -17.04
C PRO A 396 -5.14 -3.30 -16.55
N PRO A 397 -5.83 -4.02 -17.46
CA PRO A 397 -6.94 -4.88 -17.01
C PRO A 397 -6.41 -6.20 -16.47
N TRP A 398 -5.91 -6.14 -15.23
CA TRP A 398 -5.31 -7.31 -14.59
C TRP A 398 -6.33 -8.45 -14.49
N ASP A 399 -5.82 -9.67 -14.64
CA ASP A 399 -6.63 -10.88 -14.51
C ASP A 399 -6.70 -11.28 -13.04
N ILE A 400 -7.44 -10.49 -12.28
CA ILE A 400 -7.51 -10.68 -10.82
C ILE A 400 -8.61 -11.66 -10.48
N GLY A 407 -12.48 -8.47 -20.72
CA GLY A 407 -11.30 -8.14 -21.51
C GLY A 407 -10.04 -7.89 -20.68
N THR A 408 -9.48 -8.95 -20.12
CA THR A 408 -8.28 -8.86 -19.30
C THR A 408 -7.07 -9.39 -20.07
N LEU A 409 -5.89 -9.09 -19.54
CA LEU A 409 -4.63 -9.62 -20.03
C LEU A 409 -4.12 -10.66 -19.05
N THR A 410 -3.59 -11.76 -19.58
CA THR A 410 -3.03 -12.77 -18.69
C THR A 410 -1.76 -12.24 -18.05
N ASP A 411 -1.38 -12.90 -16.94
CA ASP A 411 -0.13 -12.54 -16.27
C ASP A 411 1.05 -12.56 -17.22
N ASP A 412 1.10 -13.56 -18.11
CA ASP A 412 2.22 -13.63 -19.06
C ASP A 412 2.17 -12.51 -20.08
N GLU A 413 0.98 -12.17 -20.57
CA GLU A 413 0.86 -11.06 -21.50
C GLU A 413 1.31 -9.75 -20.85
N MET A 414 0.97 -9.57 -19.57
CA MET A 414 1.44 -8.39 -18.85
C MET A 414 2.96 -8.37 -18.75
N ARG A 415 3.56 -9.51 -18.36
CA ARG A 415 5.02 -9.56 -18.24
C ARG A 415 5.69 -9.22 -19.55
N ARG A 416 5.13 -9.69 -20.67
CA ARG A 416 5.76 -9.56 -21.97
C ARG A 416 5.54 -8.19 -22.62
N LEU A 417 4.74 -7.31 -22.04
CA LEU A 417 4.55 -5.99 -22.64
C LEU A 417 5.90 -5.30 -22.77
N ASN A 418 6.14 -4.69 -23.92
CA ASN A 418 7.45 -4.11 -24.20
C ASN A 418 7.61 -2.75 -23.51
N ILE A 419 7.30 -2.69 -22.22
CA ILE A 419 7.57 -1.48 -21.43
C ILE A 419 9.03 -1.04 -21.49
N PRO A 420 10.02 -1.94 -21.46
CA PRO A 420 11.42 -1.46 -21.41
C PRO A 420 11.83 -0.49 -22.52
N VAL A 421 11.23 -0.55 -23.70
CA VAL A 421 11.69 0.36 -24.74
C VAL A 421 11.17 1.79 -24.58
N LEU A 422 10.20 2.01 -23.68
CA LEU A 422 9.52 3.29 -23.62
C LEU A 422 10.32 4.38 -22.89
N GLN A 423 11.29 4.04 -22.05
CA GLN A 423 12.00 5.05 -21.26
C GLN A 423 13.46 4.69 -21.13
N ASP A 424 14.29 5.72 -20.97
CA ASP A 424 15.67 5.55 -20.52
C ASP A 424 15.86 6.02 -19.09
N ASP A 425 15.33 7.20 -18.76
CA ASP A 425 15.36 7.73 -17.39
C ASP A 425 14.02 8.37 -17.12
N GLY A 426 13.29 7.84 -16.14
CA GLY A 426 12.05 8.47 -15.74
C GLY A 426 11.24 7.55 -14.85
N PHE A 427 9.95 7.85 -14.79
CA PHE A 427 9.07 7.26 -13.80
C PHE A 427 7.91 6.52 -14.46
N LEU A 428 7.47 5.47 -13.79
CA LEU A 428 6.34 4.66 -14.22
C LEU A 428 5.29 4.70 -13.11
N PHE A 429 4.05 5.00 -13.48
CA PHE A 429 2.92 4.98 -12.55
C PHE A 429 2.03 3.80 -12.94
N LEU A 430 1.89 2.83 -12.02
CA LEU A 430 1.21 1.57 -12.33
C LEU A 430 0.08 1.31 -11.35
N TRP A 431 -1.17 1.43 -11.84
CA TRP A 431 -2.32 1.18 -10.97
C TRP A 431 -2.45 -0.32 -10.72
N VAL A 432 -2.76 -0.68 -9.47
CA VAL A 432 -2.90 -2.07 -9.05
C VAL A 432 -4.06 -2.20 -8.08
N THR A 433 -4.68 -3.39 -8.05
CA THR A 433 -5.63 -3.78 -7.01
C THR A 433 -5.48 -5.28 -6.77
N GLY A 434 -5.98 -5.73 -5.62
CA GLY A 434 -6.04 -7.17 -5.37
C GLY A 434 -4.67 -7.82 -5.50
N ARG A 435 -4.64 -8.99 -6.14
CA ARG A 435 -3.35 -9.68 -6.25
C ARG A 435 -2.41 -9.00 -7.23
N ALA A 436 -2.88 -8.03 -8.01
CA ALA A 436 -1.95 -7.23 -8.81
C ALA A 436 -1.11 -6.30 -7.96
N MET A 437 -1.41 -6.11 -6.67
CA MET A 437 -0.43 -5.44 -5.81
C MET A 437 0.90 -6.19 -5.83
N GLU A 438 0.84 -7.52 -5.91
CA GLU A 438 2.05 -8.33 -6.01
C GLU A 438 2.48 -8.54 -7.47
N LEU A 439 1.54 -8.91 -8.34
CA LEU A 439 1.87 -9.09 -9.74
C LEU A 439 2.38 -7.80 -10.37
N GLY A 440 1.76 -6.66 -10.01
CA GLY A 440 2.25 -5.39 -10.50
C GLY A 440 3.68 -5.12 -10.07
N ARG A 441 4.03 -5.48 -8.83
CA ARG A 441 5.41 -5.34 -8.37
C ARG A 441 6.35 -6.20 -9.18
N GLU A 442 5.93 -7.43 -9.50
CA GLU A 442 6.73 -8.31 -10.35
C GLU A 442 6.98 -7.69 -11.73
N CYS A 443 5.91 -7.24 -12.39
CA CYS A 443 6.05 -6.61 -13.70
C CYS A 443 6.97 -5.40 -13.63
N LEU A 444 6.73 -4.53 -12.64
CA LEU A 444 7.55 -3.35 -12.47
C LEU A 444 9.03 -3.72 -12.43
N ASN A 445 9.37 -4.73 -11.62
CA ASN A 445 10.77 -5.12 -11.52
C ASN A 445 11.25 -5.79 -12.80
N LEU A 446 10.46 -6.70 -13.36
CA LEU A 446 10.86 -7.36 -14.60
C LEU A 446 11.14 -6.35 -15.70
N TRP A 447 10.33 -5.29 -15.77
CA TRP A 447 10.52 -4.27 -16.80
C TRP A 447 11.71 -3.36 -16.53
N GLY A 448 12.41 -3.52 -15.41
CA GLY A 448 13.59 -2.72 -15.13
C GLY A 448 13.40 -1.53 -14.20
N TYR A 449 12.31 -1.49 -13.43
CA TYR A 449 12.06 -0.38 -12.53
C TYR A 449 12.32 -0.81 -11.09
N GLU A 450 12.61 0.17 -10.25
CA GLU A 450 12.58 0.00 -8.79
C GLU A 450 11.38 0.79 -8.24
N ARG A 451 10.55 0.15 -7.40
CA ARG A 451 9.43 0.89 -6.82
C ARG A 451 9.95 1.83 -5.77
N VAL A 452 9.65 3.13 -5.91
CA VAL A 452 10.16 4.14 -4.98
C VAL A 452 9.06 4.94 -4.31
N ASP A 453 7.79 4.74 -4.66
CA ASP A 453 6.70 5.41 -3.95
C ASP A 453 5.43 4.63 -4.25
N GLU A 454 4.37 4.97 -3.53
CA GLU A 454 3.09 4.31 -3.76
C GLU A 454 2.00 5.32 -3.43
N ILE A 455 1.31 5.80 -4.45
CA ILE A 455 0.21 6.74 -4.27
C ILE A 455 -1.04 5.98 -3.86
N ILE A 456 -1.76 6.52 -2.89
CA ILE A 456 -3.05 6.02 -2.47
C ILE A 456 -4.11 7.02 -2.90
N TRP A 457 -5.10 6.54 -3.62
CA TRP A 457 -6.27 7.33 -3.97
C TRP A 457 -7.39 6.95 -3.01
N VAL A 458 -7.72 7.86 -2.09
CA VAL A 458 -8.88 7.69 -1.21
C VAL A 458 -10.13 8.09 -1.99
N LYS A 459 -11.06 7.16 -2.13
CA LYS A 459 -12.23 7.35 -2.98
C LYS A 459 -13.37 7.96 -2.16
N THR A 460 -13.89 9.09 -2.63
CA THR A 460 -14.93 9.83 -1.92
C THR A 460 -16.15 10.04 -2.80
N ASN A 461 -17.26 10.42 -2.15
CA ASN A 461 -18.41 10.96 -2.87
C ASN A 461 -18.26 12.48 -3.00
N GLN A 462 -19.37 13.15 -3.36
CA GLN A 462 -19.35 14.60 -3.56
C GLN A 462 -19.16 15.34 -2.24
N LEU A 463 -19.56 14.76 -1.11
CA LEU A 463 -19.41 15.40 0.19
C LEU A 463 -18.13 14.99 0.91
N GLN A 464 -17.11 14.54 0.17
CA GLN A 464 -15.79 14.18 0.72
C GLN A 464 -15.89 13.11 1.80
N ARG A 465 -16.86 12.21 1.70
CA ARG A 465 -16.93 11.06 2.57
C ARG A 465 -16.42 9.83 1.83
N ILE A 466 -15.71 8.96 2.55
CA ILE A 466 -15.15 7.76 1.96
C ILE A 466 -16.27 6.85 1.46
N ILE A 467 -16.12 6.35 0.24
CA ILE A 467 -17.01 5.30 -0.26
C ILE A 467 -16.77 3.99 0.47
N GLY A 473 -10.65 -8.49 -1.97
CA GLY A 473 -10.50 -8.24 -0.55
C GLY A 473 -11.79 -8.45 0.21
N HIS A 474 -11.89 -9.59 0.90
CA HIS A 474 -13.12 -10.00 1.56
C HIS A 474 -13.07 -9.82 3.08
N TRP A 475 -11.97 -9.30 3.63
CA TRP A 475 -11.94 -9.08 5.07
C TRP A 475 -12.33 -7.65 5.44
N LEU A 476 -11.94 -6.68 4.62
CA LEU A 476 -12.20 -5.28 4.86
C LEU A 476 -12.89 -4.67 3.65
N ASN A 477 -13.77 -3.72 3.90
CA ASN A 477 -14.21 -2.85 2.81
C ASN A 477 -13.01 -2.02 2.34
N HIS A 478 -13.01 -1.66 1.06
CA HIS A 478 -11.87 -0.97 0.46
C HIS A 478 -12.22 0.49 0.20
N GLY A 479 -11.45 1.38 0.82
CA GLY A 479 -11.69 2.80 0.65
C GLY A 479 -10.74 3.47 -0.33
N LYS A 480 -9.94 2.70 -1.06
CA LYS A 480 -8.80 3.28 -1.73
C LYS A 480 -8.37 2.39 -2.89
N GLU A 481 -7.58 2.97 -3.78
CA GLU A 481 -6.85 2.21 -4.79
C GLU A 481 -5.40 2.68 -4.79
N HIS A 482 -4.52 1.79 -5.23
CA HIS A 482 -3.07 2.00 -5.15
C HIS A 482 -2.48 2.23 -6.53
N CYS A 483 -1.44 3.07 -6.57
CA CYS A 483 -0.72 3.34 -7.81
C CYS A 483 0.76 3.27 -7.50
N LEU A 484 1.43 2.22 -7.98
CA LEU A 484 2.86 2.05 -7.70
C LEU A 484 3.66 3.04 -8.52
N VAL A 485 4.73 3.59 -7.92
CA VAL A 485 5.60 4.55 -8.59
C VAL A 485 6.99 3.91 -8.72
N GLY A 486 7.40 3.64 -9.95
CA GLY A 486 8.69 3.02 -10.23
C GLY A 486 9.63 4.03 -10.86
N VAL A 487 10.94 3.82 -10.68
CA VAL A 487 11.92 4.66 -11.32
C VAL A 487 12.85 3.78 -12.15
N LYS A 488 13.26 4.31 -13.31
CA LYS A 488 14.22 3.67 -14.19
C LYS A 488 15.33 4.67 -14.51
N GLY A 489 16.57 4.20 -14.51
CA GLY A 489 17.68 5.08 -14.80
C GLY A 489 17.92 6.06 -13.68
N ASN A 490 18.34 7.27 -14.06
CA ASN A 490 18.60 8.37 -13.12
C ASN A 490 17.92 9.62 -13.66
N PRO A 491 16.64 9.79 -13.40
CA PRO A 491 15.94 11.00 -13.89
C PRO A 491 16.57 12.25 -13.31
N GLN A 492 16.82 13.21 -14.18
CA GLN A 492 17.35 14.50 -13.76
C GLN A 492 16.35 15.60 -14.08
N GLY A 493 16.24 16.56 -13.17
CA GLY A 493 15.41 17.73 -13.42
C GLY A 493 13.93 17.56 -13.14
N PHE A 494 13.54 16.52 -12.41
CA PHE A 494 12.16 16.35 -12.00
C PHE A 494 11.95 17.06 -10.66
N ASN A 495 10.73 17.53 -10.45
CA ASN A 495 10.43 18.31 -9.24
C ASN A 495 9.85 17.40 -8.14
N GLN A 496 10.73 16.58 -7.60
CA GLN A 496 10.31 15.59 -6.61
C GLN A 496 9.94 16.28 -5.30
N GLY A 497 8.93 15.73 -4.62
CA GLY A 497 8.53 16.27 -3.33
C GLY A 497 7.57 17.44 -3.34
N LEU A 498 7.05 17.85 -4.51
CA LEU A 498 6.06 18.91 -4.56
C LEU A 498 4.69 18.43 -4.08
N ASP A 499 4.27 17.25 -4.52
CA ASP A 499 2.99 16.71 -4.12
C ASP A 499 3.17 15.64 -3.05
N CYS A 500 2.09 15.34 -2.35
CA CYS A 500 2.14 14.23 -1.40
C CYS A 500 1.50 12.99 -2.04
N ASP A 501 1.64 11.85 -1.36
CA ASP A 501 1.33 10.56 -1.95
C ASP A 501 -0.09 10.08 -1.66
N VAL A 502 -0.99 10.99 -1.28
CA VAL A 502 -2.39 10.66 -1.04
C VAL A 502 -3.25 11.54 -1.93
N ILE A 503 -4.15 10.91 -2.71
CA ILE A 503 -5.11 11.63 -3.55
C ILE A 503 -6.49 11.46 -2.91
N VAL A 504 -7.19 12.57 -2.69
CA VAL A 504 -8.57 12.54 -2.23
C VAL A 504 -9.42 13.07 -3.37
N ALA A 505 -10.21 12.21 -3.98
CA ALA A 505 -10.92 12.59 -5.20
C ALA A 505 -12.15 11.73 -5.37
N GLU A 506 -13.15 12.31 -6.02
CA GLU A 506 -14.44 11.64 -6.18
C GLU A 506 -14.32 10.45 -7.12
N VAL A 507 -15.03 9.37 -6.79
CA VAL A 507 -15.24 8.27 -7.72
C VAL A 507 -16.17 8.74 -8.84
N ARG A 508 -15.86 8.34 -10.07
CA ARG A 508 -16.77 8.56 -11.20
C ARG A 508 -17.19 7.19 -11.74
N SER A 509 -17.20 7.00 -13.06
CA SER A 509 -17.59 5.69 -13.59
C SER A 509 -16.58 4.62 -13.15
N THR A 510 -16.96 3.36 -13.36
CA THR A 510 -16.11 2.26 -12.94
C THR A 510 -14.76 2.31 -13.64
N SER A 511 -13.70 2.11 -12.85
CA SER A 511 -12.30 2.11 -13.24
C SER A 511 -11.81 3.48 -13.72
N HIS A 512 -12.63 4.52 -13.66
CA HIS A 512 -12.18 5.86 -14.06
C HIS A 512 -11.27 6.45 -13.00
N LYS A 513 -9.98 6.59 -13.30
CA LYS A 513 -8.99 7.08 -12.35
C LYS A 513 -9.06 8.60 -12.21
N PRO A 514 -8.62 9.14 -11.06
CA PRO A 514 -8.78 10.58 -10.83
C PRO A 514 -7.89 11.43 -11.72
N ASP A 515 -8.46 12.55 -12.22
CA ASP A 515 -7.68 13.44 -13.08
C ASP A 515 -6.57 14.14 -12.32
N GLU A 516 -6.64 14.15 -10.98
CA GLU A 516 -5.59 14.78 -10.17
C GLU A 516 -4.22 14.21 -10.50
N ILE A 517 -4.13 12.95 -10.90
CA ILE A 517 -2.82 12.35 -11.15
C ILE A 517 -2.10 13.06 -12.30
N TYR A 518 -2.84 13.56 -13.30
CA TYR A 518 -2.19 14.28 -14.41
C TYR A 518 -1.52 15.56 -13.93
N GLY A 519 -2.16 16.29 -13.01
CA GLY A 519 -1.55 17.50 -12.49
C GLY A 519 -0.35 17.21 -11.60
N MET A 520 -0.44 16.14 -10.79
CA MET A 520 0.74 15.71 -10.04
C MET A 520 1.90 15.38 -10.97
N ILE A 521 1.61 14.70 -12.08
CA ILE A 521 2.69 14.27 -12.98
C ILE A 521 3.24 15.46 -13.74
N GLU A 522 2.37 16.41 -14.10
CA GLU A 522 2.80 17.61 -14.80
C GLU A 522 3.66 18.50 -13.91
N ARG A 523 3.32 18.61 -12.62
CA ARG A 523 4.18 19.40 -11.74
C ARG A 523 5.51 18.69 -11.50
N LEU A 524 5.49 17.35 -11.45
CA LEU A 524 6.73 16.60 -11.29
C LEU A 524 7.65 16.76 -12.49
N SER A 525 7.08 16.81 -13.70
CA SER A 525 7.86 16.78 -14.94
C SER A 525 7.15 17.67 -15.97
N PRO A 526 7.24 19.00 -15.81
CA PRO A 526 6.49 19.88 -16.70
C PRO A 526 7.04 19.86 -18.12
N GLY A 527 6.13 19.89 -19.08
CA GLY A 527 6.46 20.06 -20.48
C GLY A 527 6.98 18.82 -21.19
N THR A 528 7.25 17.73 -20.47
CA THR A 528 7.88 16.56 -21.07
C THR A 528 6.83 15.66 -21.73
N ARG A 529 7.30 14.72 -22.56
CA ARG A 529 6.41 13.76 -23.22
C ARG A 529 6.04 12.64 -22.28
N LYS A 530 4.75 12.30 -22.24
CA LYS A 530 4.26 11.23 -21.39
C LYS A 530 3.43 10.25 -22.23
N ILE A 531 3.28 9.03 -21.75
CA ILE A 531 2.48 8.03 -22.46
C ILE A 531 1.62 7.28 -21.45
N GLU A 532 0.34 7.10 -21.79
CA GLU A 532 -0.61 6.35 -20.96
C GLU A 532 -1.03 5.07 -21.69
N LEU A 533 -0.90 3.95 -21.01
CA LEU A 533 -1.33 2.66 -21.53
C LEU A 533 -2.68 2.26 -20.95
N PHE A 534 -3.54 1.70 -21.80
CA PHE A 534 -4.89 1.28 -21.45
C PHE A 534 -5.77 2.47 -21.06
N GLY A 535 -5.55 3.62 -21.69
CA GLY A 535 -6.42 4.75 -21.46
C GLY A 535 -7.68 4.67 -22.30
N ARG A 536 -8.70 5.39 -21.86
CA ARG A 536 -9.96 5.55 -22.56
C ARG A 536 -10.04 6.98 -23.10
N PRO A 537 -11.05 7.29 -23.94
CA PRO A 537 -11.12 8.65 -24.51
C PRO A 537 -11.01 9.76 -23.48
N HIS A 538 -11.65 9.63 -22.32
CA HIS A 538 -11.57 10.69 -21.32
C HIS A 538 -10.20 10.79 -20.67
N ASN A 539 -9.27 9.89 -20.97
CA ASN A 539 -7.91 9.99 -20.42
C ASN A 539 -6.97 10.85 -21.26
N VAL A 540 -7.30 11.16 -22.52
CA VAL A 540 -6.34 11.89 -23.35
C VAL A 540 -6.09 13.28 -22.75
N GLN A 541 -4.84 13.74 -22.83
CA GLN A 541 -4.39 14.96 -22.15
C GLN A 541 -3.27 15.58 -22.95
N PRO A 542 -3.09 16.91 -22.86
CA PRO A 542 -1.93 17.53 -23.50
C PRO A 542 -0.63 16.94 -22.95
N ASN A 543 0.37 16.86 -23.82
CA ASN A 543 1.69 16.27 -23.56
C ASN A 543 1.65 14.75 -23.46
N TRP A 544 0.47 14.12 -23.54
CA TRP A 544 0.34 12.68 -23.40
C TRP A 544 0.00 12.04 -24.74
N ILE A 545 0.52 10.84 -24.96
CA ILE A 545 0.05 9.94 -25.99
C ILE A 545 -0.68 8.82 -25.28
N THR A 546 -1.92 8.56 -25.70
CA THR A 546 -2.76 7.57 -25.04
C THR A 546 -2.93 6.37 -25.95
N LEU A 547 -2.70 5.18 -25.39
CA LEU A 547 -2.92 3.93 -26.11
C LEU A 547 -4.03 3.14 -25.42
N GLY A 548 -4.90 2.54 -26.20
CA GLY A 548 -5.95 1.72 -25.64
C GLY A 548 -6.89 1.26 -26.73
N ASN A 549 -7.72 0.26 -26.47
CA ASN A 549 -8.57 -0.32 -27.50
C ASN A 549 -9.97 0.25 -27.55
N GLN A 550 -10.30 1.19 -26.65
CA GLN A 550 -11.59 1.88 -26.70
C GLN A 550 -11.44 3.32 -27.18
N LEU A 551 -10.26 3.70 -27.65
CA LEU A 551 -10.09 5.01 -28.26
C LEU A 551 -10.64 4.98 -29.68
N ASP A 552 -10.85 6.16 -30.24
CA ASP A 552 -11.46 6.32 -31.55
C ASP A 552 -10.37 6.62 -32.56
N GLY A 553 -9.95 5.59 -33.32
CA GLY A 553 -9.01 5.83 -34.40
C GLY A 553 -7.62 6.20 -33.91
N ILE A 554 -6.92 6.99 -34.74
CA ILE A 554 -5.55 7.42 -34.47
C ILE A 554 -5.47 8.93 -34.68
N HIS A 555 -4.86 9.63 -33.72
CA HIS A 555 -4.68 11.09 -33.77
C HIS A 555 -3.24 11.40 -33.36
N LEU A 556 -2.38 11.66 -34.33
CA LEU A 556 -0.95 11.86 -34.10
C LEU A 556 -0.50 13.16 -34.75
N LEU A 557 0.25 13.97 -33.99
CA LEU A 557 0.64 15.31 -34.41
C LEU A 557 2.14 15.51 -34.34
N ASP A 558 2.81 14.78 -33.46
CA ASP A 558 4.26 14.84 -33.37
C ASP A 558 4.85 14.35 -34.67
N PRO A 559 5.62 15.19 -35.40
CA PRO A 559 6.12 14.75 -36.71
C PRO A 559 7.06 13.55 -36.61
N ASP A 560 7.91 13.49 -35.57
CA ASP A 560 8.75 12.31 -35.34
C ASP A 560 7.91 11.04 -35.31
N VAL A 561 6.83 11.06 -34.53
CA VAL A 561 5.98 9.88 -34.36
C VAL A 561 5.20 9.59 -35.64
N VAL A 562 4.70 10.63 -36.30
CA VAL A 562 3.95 10.43 -37.55
C VAL A 562 4.84 9.72 -38.57
N ALA A 563 6.07 10.20 -38.75
CA ALA A 563 6.97 9.61 -39.72
C ALA A 563 7.24 8.15 -39.40
N ARG A 564 7.60 7.85 -38.14
CA ARG A 564 7.92 6.46 -37.79
C ARG A 564 6.66 5.58 -37.84
N PHE A 565 5.49 6.15 -37.55
CA PHE A 565 4.27 5.38 -37.68
C PHE A 565 3.99 5.04 -39.14
N LYS A 566 4.17 6.01 -40.04
CA LYS A 566 3.94 5.76 -41.46
C LYS A 566 4.93 4.74 -42.00
N GLN A 567 6.20 4.84 -41.60
CA GLN A 567 7.20 3.87 -42.06
C GLN A 567 6.89 2.47 -41.56
N ARG A 568 6.41 2.35 -40.32
CA ARG A 568 6.17 1.02 -39.74
C ARG A 568 4.82 0.45 -40.15
N TYR A 569 3.80 1.30 -40.26
CA TYR A 569 2.46 0.87 -40.64
C TYR A 569 2.03 1.66 -41.88
N PRO A 570 2.62 1.35 -43.04
CA PRO A 570 2.29 2.12 -44.25
C PRO A 570 0.80 2.14 -44.59
N ASP A 571 0.09 1.04 -44.35
CA ASP A 571 -1.34 0.98 -44.63
C ASP A 571 -2.21 1.15 -43.38
N GLY A 572 -1.64 1.61 -42.27
CA GLY A 572 -2.41 1.92 -41.09
C GLY A 572 -2.91 0.74 -40.29
N ILE A 573 -2.53 -0.49 -40.63
CA ILE A 573 -3.07 -1.67 -39.98
C ILE A 573 -2.06 -2.20 -38.97
N ILE A 574 -2.53 -2.50 -37.76
CA ILE A 574 -1.67 -2.91 -36.65
C ILE A 574 -2.03 -4.35 -36.31
N SER A 575 -1.24 -5.30 -36.80
CA SER A 575 -1.51 -6.72 -36.61
C SER A 575 -0.28 -7.42 -36.02
N LYS A 576 -0.54 -8.53 -35.33
CA LYS A 576 0.52 -9.42 -34.82
C LYS A 576 1.49 -8.71 -33.87
N ASN B 117 -12.80 20.73 -6.79
CA ASN B 117 -11.65 21.07 -5.95
C ASN B 117 -10.52 20.06 -6.12
N ASP B 118 -9.37 20.50 -6.60
CA ASP B 118 -8.18 19.66 -6.72
C ASP B 118 -7.39 19.82 -5.42
N TYR B 119 -7.57 18.86 -4.51
CA TYR B 119 -6.85 18.91 -3.24
C TYR B 119 -5.35 18.68 -3.39
N CYS B 120 -4.91 18.09 -4.52
CA CYS B 120 -3.46 18.01 -4.75
C CYS B 120 -2.89 19.39 -5.02
N GLN B 121 -3.49 20.13 -5.96
CA GLN B 121 -3.13 21.52 -6.18
C GLN B 121 -3.20 22.32 -4.90
N HIS B 122 -4.26 22.11 -4.12
CA HIS B 122 -4.41 22.83 -2.85
C HIS B 122 -3.26 22.54 -1.89
N PHE B 123 -2.79 21.28 -1.84
CA PHE B 123 -1.64 20.98 -0.99
C PHE B 123 -0.39 21.70 -1.48
N VAL B 124 -0.20 21.75 -2.80
CA VAL B 124 0.93 22.50 -3.35
C VAL B 124 0.84 23.98 -2.94
N ASP B 125 -0.38 24.52 -2.89
CA ASP B 125 -0.61 25.94 -2.65
C ASP B 125 -0.49 26.30 -1.18
N THR B 126 -0.97 25.44 -0.28
CA THR B 126 -1.14 25.76 1.13
C THR B 126 -0.39 24.85 2.09
N GLY B 127 0.02 23.66 1.68
CA GLY B 127 0.60 22.71 2.61
C GLY B 127 -0.38 21.85 3.38
N HIS B 128 -1.69 22.07 3.21
CA HIS B 128 -2.70 21.21 3.80
C HIS B 128 -2.83 19.93 2.98
N ARG B 129 -2.57 18.78 3.60
CA ARG B 129 -2.67 17.52 2.89
C ARG B 129 -4.11 17.26 2.45
N PRO B 130 -4.31 16.63 1.29
CA PRO B 130 -5.67 16.31 0.84
C PRO B 130 -6.51 15.57 1.87
N GLN B 131 -5.89 14.67 2.64
CA GLN B 131 -6.64 13.91 3.63
C GLN B 131 -7.17 14.80 4.76
N ASN B 132 -6.65 16.04 4.92
CA ASN B 132 -7.23 16.96 5.89
C ASN B 132 -8.70 17.26 5.59
N PHE B 133 -9.18 16.97 4.39
CA PHE B 133 -10.52 17.36 3.96
C PHE B 133 -11.46 16.17 3.81
N ILE B 134 -11.02 14.97 4.17
CA ILE B 134 -11.95 13.86 4.30
C ILE B 134 -12.87 14.14 5.49
N ARG B 135 -14.17 13.92 5.30
CA ARG B 135 -15.18 14.18 6.32
C ARG B 135 -15.60 12.89 7.03
N ASP B 136 -16.03 13.04 8.28
CA ASP B 136 -16.47 11.93 9.11
C ASP B 136 -15.33 10.95 9.37
N VAL B 137 -14.17 11.49 9.77
CA VAL B 137 -12.97 10.69 9.97
C VAL B 137 -12.17 11.20 11.16
N GLU B 151 -25.08 0.54 11.22
CA GLU B 151 -25.62 -0.56 11.99
C GLU B 151 -25.82 -0.18 13.46
N LEU B 152 -24.83 0.53 14.01
CA LEU B 152 -24.73 0.90 15.42
C LEU B 152 -24.28 -0.28 16.28
N ILE B 153 -25.05 -1.36 16.25
CA ILE B 153 -24.96 -2.49 17.20
C ILE B 153 -23.56 -3.08 17.31
N ARG B 154 -22.65 -2.36 17.95
CA ARG B 154 -21.33 -2.93 18.21
C ARG B 154 -21.21 -3.30 19.68
N LEU B 155 -22.04 -4.24 20.13
CA LEU B 155 -21.87 -4.96 21.39
C LEU B 155 -20.93 -6.15 21.22
N LYS B 156 -20.53 -6.42 19.98
CA LYS B 156 -19.33 -7.19 19.69
C LYS B 156 -18.16 -6.72 20.56
N ASP B 157 -17.98 -5.40 20.68
CA ASP B 157 -16.97 -4.84 21.58
C ASP B 157 -17.07 -5.44 22.98
N GLU B 158 -18.30 -5.60 23.50
CA GLU B 158 -18.46 -6.11 24.86
C GLU B 158 -18.08 -7.59 24.94
N LEU B 159 -18.47 -8.39 23.94
CA LEU B 159 -18.10 -9.80 23.95
C LEU B 159 -16.60 -9.98 23.81
N ILE B 160 -15.96 -9.15 22.97
CA ILE B 160 -14.50 -9.16 22.88
C ILE B 160 -13.89 -8.93 24.24
N ALA B 161 -14.38 -7.91 24.95
CA ALA B 161 -13.81 -7.58 26.26
C ALA B 161 -14.04 -8.70 27.27
N LYS B 162 -15.20 -9.36 27.22
CA LYS B 162 -15.44 -10.48 28.11
C LYS B 162 -14.54 -11.66 27.76
N SER B 163 -14.38 -11.93 26.47
CA SER B 163 -13.53 -13.03 26.02
C SER B 163 -12.06 -12.80 26.30
N ASN B 164 -11.64 -11.54 26.45
CA ASN B 164 -10.22 -11.21 26.47
C ASN B 164 -9.49 -11.91 27.60
N THR B 165 -8.35 -12.52 27.29
CA THR B 165 -7.43 -12.98 28.32
C THR B 165 -6.90 -11.78 29.09
N PRO B 166 -6.41 -11.99 30.31
CA PRO B 166 -5.65 -10.95 31.00
C PRO B 166 -4.48 -10.50 30.16
N PRO B 167 -4.10 -9.22 30.26
CA PRO B 167 -2.89 -8.78 29.53
C PRO B 167 -1.68 -9.52 30.05
N MET B 168 -0.83 -9.98 29.12
CA MET B 168 0.39 -10.67 29.48
C MET B 168 1.52 -10.08 28.65
N TYR B 169 2.71 -10.05 29.24
CA TYR B 169 3.76 -9.25 28.62
C TYR B 169 5.10 -9.79 29.09
N LEU B 170 6.11 -9.62 28.23
CA LEU B 170 7.42 -10.16 28.50
C LEU B 170 8.48 -9.25 27.91
N GLN B 171 9.41 -8.81 28.74
CA GLN B 171 10.59 -8.13 28.23
C GLN B 171 11.53 -9.17 27.62
N ALA B 172 11.95 -8.92 26.39
CA ALA B 172 12.86 -9.83 25.69
C ALA B 172 13.56 -9.06 24.58
N ASP B 173 14.87 -9.29 24.45
CA ASP B 173 15.62 -8.83 23.28
C ASP B 173 15.33 -9.78 22.15
N ILE B 174 14.43 -9.37 21.24
CA ILE B 174 13.95 -10.25 20.18
C ILE B 174 15.09 -10.70 19.26
N GLU B 175 16.18 -9.94 19.16
CA GLU B 175 17.30 -10.36 18.33
C GLU B 175 18.04 -11.56 18.92
N ALA B 176 18.10 -11.66 20.25
CA ALA B 176 18.88 -12.69 20.94
C ALA B 176 18.01 -13.70 21.66
N PHE B 177 16.72 -13.72 21.36
CA PHE B 177 15.72 -14.49 22.09
C PHE B 177 15.25 -15.63 21.21
N ASP B 178 15.14 -16.82 21.78
CA ASP B 178 14.63 -17.96 21.03
C ASP B 178 13.11 -17.84 21.00
N ILE B 179 12.58 -17.32 19.90
CA ILE B 179 11.15 -17.04 19.78
C ILE B 179 10.31 -18.29 20.04
N ARG B 180 10.88 -19.49 19.87
CA ARG B 180 10.11 -20.70 20.10
C ARG B 180 9.68 -20.85 21.54
N GLU B 181 10.27 -20.09 22.46
CA GLU B 181 9.85 -20.12 23.86
C GLU B 181 8.48 -19.51 24.05
N LEU B 182 7.98 -18.74 23.06
CA LEU B 182 6.64 -18.17 23.15
C LEU B 182 5.64 -19.22 22.67
N THR B 183 4.94 -19.83 23.62
CA THR B 183 3.95 -20.85 23.35
C THR B 183 2.63 -20.43 23.98
N PRO B 184 1.49 -20.94 23.47
CA PRO B 184 1.35 -21.86 22.32
C PRO B 184 1.38 -21.11 21.00
N LYS B 185 1.09 -21.78 19.88
CA LYS B 185 1.14 -21.11 18.59
C LYS B 185 0.02 -20.09 18.49
N PHE B 186 0.28 -18.97 17.83
CA PHE B 186 -0.61 -17.83 17.90
C PHE B 186 -1.59 -17.80 16.75
N ASP B 187 -2.80 -17.31 17.05
CA ASP B 187 -3.81 -17.08 16.02
C ASP B 187 -3.56 -15.79 15.27
N VAL B 188 -3.04 -14.78 15.96
CA VAL B 188 -2.79 -13.46 15.38
C VAL B 188 -1.43 -12.98 15.89
N ILE B 189 -0.64 -12.43 14.98
CA ILE B 189 0.64 -11.82 15.33
C ILE B 189 0.64 -10.41 14.77
N LEU B 190 0.86 -9.42 15.63
CA LEU B 190 1.05 -8.05 15.22
C LEU B 190 2.54 -7.75 15.37
N LEU B 191 3.18 -7.37 14.28
CA LEU B 191 4.62 -7.26 14.24
C LEU B 191 4.97 -5.82 13.90
N GLU B 192 5.68 -5.15 14.83
CA GLU B 192 5.89 -3.70 14.74
C GLU B 192 7.36 -3.36 14.92
N PRO B 193 8.25 -3.91 14.09
CA PRO B 193 9.70 -3.66 14.27
C PRO B 193 10.02 -2.18 14.15
N PRO B 194 10.93 -1.68 14.98
CA PRO B 194 11.29 -0.26 14.94
C PRO B 194 12.19 0.08 13.76
N LEU B 195 11.58 0.48 12.64
CA LEU B 195 12.32 0.83 11.44
C LEU B 195 13.06 2.16 11.62
N GLU B 196 14.21 2.27 10.93
CA GLU B 196 14.98 3.52 10.99
C GLU B 196 14.17 4.72 10.50
N GLU B 197 13.32 4.52 9.49
CA GLU B 197 12.53 5.64 8.97
C GLU B 197 11.60 6.23 10.02
N TYR B 198 11.29 5.49 11.09
CA TYR B 198 10.46 6.05 12.17
C TYR B 198 11.19 7.11 12.98
N TYR B 199 12.51 7.09 12.96
CA TYR B 199 13.34 8.04 13.68
C TYR B 199 13.97 8.97 12.63
N ARG B 200 13.21 9.99 12.24
CA ARG B 200 13.69 10.95 11.26
C ARG B 200 14.52 12.04 11.92
N GLU B 201 13.95 12.69 12.94
CA GLU B 201 14.69 13.61 13.78
C GLU B 201 15.21 12.96 15.07
N THR B 202 14.65 11.81 15.45
CA THR B 202 15.05 11.12 16.66
C THR B 202 16.19 10.12 16.40
N LYS B 209 17.71 0.64 19.46
CA LYS B 209 18.17 -0.22 18.36
C LYS B 209 17.15 -0.31 17.23
N CYS B 210 17.54 0.18 16.05
CA CYS B 210 16.70 0.09 14.88
C CYS B 210 16.83 -1.28 14.22
N TRP B 211 15.74 -1.74 13.64
CA TRP B 211 15.69 -3.02 12.95
C TRP B 211 15.68 -2.78 11.45
N THR B 212 16.60 -3.43 10.73
CA THR B 212 16.57 -3.42 9.28
C THR B 212 15.71 -4.56 8.77
N TRP B 213 15.32 -4.47 7.49
CA TRP B 213 14.56 -5.58 6.92
C TRP B 213 15.40 -6.86 6.83
N ASP B 214 16.73 -6.73 6.80
CA ASP B 214 17.61 -7.89 6.97
C ASP B 214 17.35 -8.59 8.30
N ASP B 215 17.31 -7.81 9.39
CA ASP B 215 16.99 -8.36 10.71
C ASP B 215 15.60 -8.99 10.73
N ILE B 216 14.61 -8.27 10.21
CA ILE B 216 13.22 -8.71 10.36
C ILE B 216 13.00 -10.01 9.60
N MET B 217 13.48 -10.06 8.35
CA MET B 217 13.28 -11.22 7.50
C MET B 217 13.83 -12.49 8.14
N LYS B 218 14.78 -12.37 9.05
CA LYS B 218 15.42 -13.53 9.67
C LYS B 218 14.72 -13.96 10.94
N LEU B 219 13.66 -13.26 11.36
CA LEU B 219 12.84 -13.77 12.46
C LEU B 219 12.13 -15.04 12.04
N GLU B 220 12.04 -15.99 12.96
CA GLU B 220 11.45 -17.29 12.62
C GLU B 220 9.95 -17.30 12.94
N ILE B 221 9.21 -16.39 12.27
CA ILE B 221 7.81 -16.18 12.62
C ILE B 221 6.99 -17.43 12.35
N ASP B 222 7.33 -18.17 11.29
CA ASP B 222 6.61 -19.39 10.97
C ASP B 222 6.70 -20.44 12.08
N GLU B 223 7.70 -20.33 12.97
CA GLU B 223 7.85 -21.31 14.04
C GLU B 223 6.85 -21.10 15.17
N ILE B 224 6.18 -19.95 15.25
CA ILE B 224 5.25 -19.67 16.34
C ILE B 224 3.85 -19.35 15.85
N ALA B 225 3.62 -19.31 14.54
CA ALA B 225 2.28 -19.07 14.01
C ALA B 225 1.50 -20.36 13.91
N ALA B 226 0.23 -20.32 14.30
CA ALA B 226 -0.61 -21.49 14.16
C ALA B 226 -0.80 -21.82 12.67
N PRO B 227 -1.07 -23.09 12.33
CA PRO B 227 -1.22 -23.46 10.91
C PRO B 227 -2.26 -22.64 10.19
N ARG B 228 -3.37 -22.32 10.84
CA ARG B 228 -4.29 -21.29 10.38
C ARG B 228 -4.10 -20.10 11.31
N SER B 229 -3.67 -18.96 10.74
CA SER B 229 -3.41 -17.79 11.56
C SER B 229 -3.22 -16.57 10.67
N PHE B 230 -3.03 -15.43 11.32
CA PHE B 230 -2.99 -14.14 10.64
C PHE B 230 -1.78 -13.35 11.12
N ILE B 231 -1.31 -12.44 10.27
CA ILE B 231 -0.23 -11.55 10.66
C ILE B 231 -0.61 -10.14 10.23
N PHE B 232 -0.21 -9.16 11.04
CA PHE B 232 -0.37 -7.74 10.72
C PHE B 232 1.00 -7.12 10.87
N LEU B 233 1.58 -6.68 9.75
CA LEU B 233 2.98 -6.25 9.71
C LEU B 233 3.02 -4.78 9.36
N TRP B 234 3.50 -3.94 10.29
CA TRP B 234 3.74 -2.52 9.99
C TRP B 234 4.98 -2.39 9.13
N CYS B 235 4.82 -1.80 7.94
CA CYS B 235 5.86 -1.78 6.92
C CYS B 235 6.40 -0.40 6.62
N GLY B 236 5.86 0.64 7.25
CA GLY B 236 6.34 1.98 6.96
C GLY B 236 5.82 2.49 5.62
N SER B 237 6.68 3.21 4.91
CA SER B 237 6.27 3.82 3.64
C SER B 237 7.35 3.73 2.55
N GLY B 238 8.47 3.07 2.82
CA GLY B 238 9.53 2.95 1.84
C GLY B 238 9.72 1.52 1.37
N GLU B 239 10.96 1.03 1.44
CA GLU B 239 11.31 -0.30 0.96
C GLU B 239 10.54 -1.40 1.67
N GLY B 240 10.02 -1.12 2.87
CA GLY B 240 9.22 -2.11 3.58
C GLY B 240 7.96 -2.54 2.85
N LEU B 241 7.40 -1.67 2.00
CA LEU B 241 6.22 -2.10 1.24
C LEU B 241 6.55 -3.28 0.32
N ASP B 242 7.82 -3.40 -0.08
CA ASP B 242 8.26 -4.56 -0.85
C ASP B 242 8.82 -5.65 0.04
N LEU B 243 9.74 -5.30 0.94
CA LEU B 243 10.40 -6.32 1.77
C LEU B 243 9.44 -6.93 2.78
N GLY B 244 8.43 -6.18 3.22
CA GLY B 244 7.41 -6.78 4.07
C GLY B 244 6.60 -7.84 3.37
N ARG B 245 6.38 -7.69 2.06
CA ARG B 245 5.72 -8.73 1.28
C ARG B 245 6.63 -9.95 1.12
N VAL B 246 7.92 -9.72 0.91
CA VAL B 246 8.87 -10.83 0.90
C VAL B 246 8.81 -11.58 2.23
N CYS B 247 8.81 -10.85 3.36
CA CYS B 247 8.67 -11.49 4.68
C CYS B 247 7.40 -12.30 4.79
N LEU B 248 6.25 -11.72 4.41
CA LEU B 248 5.00 -12.47 4.53
C LEU B 248 5.09 -13.79 3.79
N ARG B 249 5.61 -13.77 2.55
CA ARG B 249 5.71 -15.01 1.79
C ARG B 249 6.74 -15.95 2.42
N LYS B 250 7.84 -15.40 2.94
CA LYS B 250 8.86 -16.24 3.57
C LYS B 250 8.27 -17.04 4.73
N TRP B 251 7.38 -16.42 5.51
CA TRP B 251 6.78 -17.04 6.68
C TRP B 251 5.53 -17.84 6.34
N GLY B 252 5.18 -17.94 5.07
CA GLY B 252 4.09 -18.78 4.65
C GLY B 252 2.73 -18.12 4.58
N TYR B 253 2.66 -16.79 4.61
CA TYR B 253 1.38 -16.10 4.48
C TYR B 253 1.18 -15.57 3.06
N ARG B 254 -0.08 -15.31 2.73
CA ARG B 254 -0.41 -14.47 1.58
C ARG B 254 -1.10 -13.22 2.07
N ARG B 255 -0.85 -12.09 1.41
CA ARG B 255 -1.48 -10.85 1.81
C ARG B 255 -2.95 -10.89 1.43
N CYS B 256 -3.83 -10.53 2.37
CA CYS B 256 -5.23 -10.37 2.01
C CYS B 256 -5.72 -8.93 2.12
N GLU B 257 -5.06 -8.08 2.91
CA GLU B 257 -5.41 -6.68 2.96
C GLU B 257 -4.16 -5.82 3.07
N ASP B 258 -4.26 -4.60 2.58
CA ASP B 258 -3.25 -3.58 2.77
C ASP B 258 -3.94 -2.43 3.48
N ILE B 259 -3.63 -2.25 4.76
CA ILE B 259 -4.28 -1.23 5.60
C ILE B 259 -3.38 -0.01 5.63
N CYS B 260 -3.92 1.13 5.22
N CYS B 260 -3.94 1.13 5.24
CA CYS B 260 -3.15 2.36 5.12
CA CYS B 260 -3.18 2.37 5.16
C CYS B 260 -3.50 3.30 6.27
C CYS B 260 -3.51 3.29 6.31
N TRP B 261 -2.48 3.70 7.04
CA TRP B 261 -2.60 4.72 8.06
C TRP B 261 -2.27 6.05 7.39
N ILE B 262 -3.30 6.86 7.17
CA ILE B 262 -3.20 8.14 6.48
C ILE B 262 -3.11 9.24 7.53
N LYS B 263 -2.09 10.07 7.44
CA LYS B 263 -1.81 11.06 8.49
C LYS B 263 -2.19 12.45 8.02
N THR B 264 -3.10 13.09 8.74
CA THR B 264 -3.42 14.49 8.46
C THR B 264 -2.41 15.43 9.12
N ASN B 265 -2.37 16.66 8.63
CA ASN B 265 -1.53 17.70 9.23
C ASN B 265 -2.35 18.96 9.46
N LYS B 266 -3.57 18.77 9.98
CA LYS B 266 -4.47 19.89 10.23
C LYS B 266 -3.87 20.89 11.22
N ASN B 267 -2.97 20.44 12.09
CA ASN B 267 -2.39 21.29 13.13
C ASN B 267 -1.08 21.93 12.72
N ASN B 268 -0.42 21.44 11.68
CA ASN B 268 0.86 21.99 11.24
C ASN B 268 0.95 21.96 9.71
N PRO B 269 0.05 22.66 9.02
CA PRO B 269 0.14 22.70 7.54
C PRO B 269 1.45 23.28 7.04
N GLY B 270 2.07 24.18 7.81
CA GLY B 270 3.34 24.76 7.41
C GLY B 270 4.52 24.05 8.04
N LYS B 271 4.65 22.75 7.75
CA LYS B 271 5.75 21.93 8.28
C LYS B 271 6.13 20.95 7.18
N THR B 272 7.18 21.28 6.43
CA THR B 272 7.59 20.48 5.28
C THR B 272 8.17 19.14 5.73
N LYS B 273 8.43 18.28 4.76
CA LYS B 273 8.76 16.88 5.02
C LYS B 273 10.22 16.66 5.41
N THR B 274 11.11 16.67 4.40
CA THR B 274 12.49 16.17 4.38
C THR B 274 12.51 14.76 3.78
N LEU B 275 12.52 14.69 2.46
CA LEU B 275 12.18 13.45 1.75
C LEU B 275 13.30 12.43 1.80
N ASP B 276 12.90 11.15 1.79
CA ASP B 276 13.82 10.05 1.50
C ASP B 276 14.46 10.32 0.15
N PRO B 277 15.76 10.01 -0.02
CA PRO B 277 16.44 10.34 -1.30
C PRO B 277 15.76 9.77 -2.53
N LYS B 278 15.18 8.57 -2.45
CA LYS B 278 14.51 7.98 -3.59
C LYS B 278 13.07 8.45 -3.75
N ALA B 279 12.54 9.20 -2.78
CA ALA B 279 11.13 9.56 -2.80
C ALA B 279 10.82 10.52 -3.94
N VAL B 280 9.64 10.33 -4.53
CA VAL B 280 9.13 11.15 -5.61
C VAL B 280 8.15 12.14 -5.01
N PHE B 281 7.47 11.71 -3.95
CA PHE B 281 6.41 12.49 -3.33
C PHE B 281 6.65 12.59 -1.83
N GLN B 282 6.04 13.60 -1.22
CA GLN B 282 6.03 13.68 0.23
C GLN B 282 5.23 12.50 0.76
N ARG B 283 5.79 11.78 1.74
CA ARG B 283 5.19 10.55 2.25
C ARG B 283 4.34 10.87 3.48
N THR B 284 3.04 10.64 3.37
CA THR B 284 2.10 11.04 4.42
C THR B 284 1.30 9.87 4.97
N LYS B 285 1.81 8.65 4.84
CA LYS B 285 1.05 7.48 5.27
C LYS B 285 2.02 6.36 5.59
N GLU B 286 1.50 5.33 6.28
CA GLU B 286 2.21 4.10 6.54
C GLU B 286 1.27 2.94 6.23
N HIS B 287 1.84 1.77 5.96
CA HIS B 287 1.05 0.61 5.58
C HIS B 287 1.20 -0.51 6.62
N CYS B 288 0.08 -1.11 6.98
CA CYS B 288 0.05 -2.33 7.78
C CYS B 288 -0.50 -3.45 6.91
N LEU B 289 0.34 -4.42 6.57
CA LEU B 289 -0.07 -5.52 5.70
C LEU B 289 -0.66 -6.66 6.51
N MET B 290 -1.81 -7.16 6.07
CA MET B 290 -2.48 -8.29 6.69
C MET B 290 -2.24 -9.56 5.87
N GLY B 291 -1.76 -10.62 6.52
CA GLY B 291 -1.44 -11.86 5.87
C GLY B 291 -2.20 -12.99 6.52
N ILE B 292 -2.52 -14.01 5.72
CA ILE B 292 -3.29 -15.16 6.18
C ILE B 292 -2.54 -16.43 5.80
N LYS B 293 -2.58 -17.43 6.66
CA LYS B 293 -2.02 -18.73 6.33
C LYS B 293 -3.00 -19.80 6.75
N GLY B 294 -3.06 -20.87 5.96
CA GLY B 294 -4.05 -21.91 6.16
C GLY B 294 -5.36 -21.55 5.49
N THR B 295 -6.38 -22.37 5.79
CA THR B 295 -7.74 -22.11 5.31
C THR B 295 -8.50 -21.28 6.34
N VAL B 296 -8.05 -20.04 6.50
CA VAL B 296 -8.56 -19.11 7.50
C VAL B 296 -8.50 -19.71 8.91
N VAL B 309 -17.11 -4.91 8.67
CA VAL B 309 -17.60 -3.65 9.22
C VAL B 309 -16.56 -2.53 9.04
N ASP B 310 -15.30 -2.92 8.95
CA ASP B 310 -14.20 -1.98 8.92
C ASP B 310 -13.70 -1.74 7.49
N ILE B 311 -12.97 -0.65 7.33
CA ILE B 311 -12.41 -0.24 6.06
C ILE B 311 -10.89 -0.35 6.18
N ASP B 312 -10.19 -0.36 5.03
CA ASP B 312 -8.74 -0.54 5.04
C ASP B 312 -8.00 0.78 5.18
N LEU B 313 -8.58 1.75 5.87
CA LEU B 313 -7.98 3.06 6.09
C LEU B 313 -8.11 3.43 7.56
N ILE B 314 -7.03 3.96 8.13
CA ILE B 314 -7.02 4.61 9.42
C ILE B 314 -6.55 6.04 9.21
N ILE B 315 -7.31 7.02 9.71
CA ILE B 315 -6.99 8.43 9.49
C ILE B 315 -6.88 9.12 10.85
N THR B 316 -5.69 9.62 11.15
CA THR B 316 -5.42 10.37 12.37
C THR B 316 -4.42 11.47 12.05
N GLU B 317 -4.27 12.41 12.99
CA GLU B 317 -3.29 13.46 12.80
C GLU B 317 -1.88 12.91 12.97
N GLU B 318 -0.96 13.41 12.15
CA GLU B 318 0.44 13.03 12.26
C GLU B 318 0.94 13.27 13.68
N PRO B 319 1.52 12.28 14.34
CA PRO B 319 1.96 12.47 15.73
C PRO B 319 3.19 13.36 15.80
N GLU B 320 3.47 13.84 17.00
CA GLU B 320 4.63 14.71 17.21
C GLU B 320 5.92 13.99 16.82
N ILE B 321 6.95 14.76 16.50
CA ILE B 321 8.23 14.18 16.16
C ILE B 321 8.71 13.29 17.31
N GLY B 322 9.43 12.22 16.97
CA GLY B 322 9.92 11.28 17.97
C GLY B 322 8.87 10.39 18.59
N ASN B 323 7.60 10.54 18.24
CA ASN B 323 6.55 9.64 18.70
C ASN B 323 6.37 8.55 17.66
N ILE B 324 6.69 7.30 18.04
CA ILE B 324 6.66 6.19 17.10
C ILE B 324 5.41 5.34 17.23
N GLU B 325 4.46 5.73 18.06
CA GLU B 325 3.29 4.88 18.28
C GLU B 325 2.45 4.78 17.00
N LYS B 326 1.89 3.56 16.77
CA LYS B 326 0.90 3.36 15.71
C LYS B 326 -0.49 3.56 16.29
N PRO B 327 -1.46 3.96 15.46
CA PRO B 327 -2.82 4.20 15.96
C PRO B 327 -3.42 2.96 16.62
N VAL B 328 -4.00 3.15 17.80
CA VAL B 328 -4.63 2.03 18.51
C VAL B 328 -5.79 1.46 17.72
N GLU B 329 -6.30 2.22 16.74
CA GLU B 329 -7.35 1.70 15.87
C GLU B 329 -6.98 0.38 15.19
N ILE B 330 -5.69 0.11 14.98
CA ILE B 330 -5.30 -1.17 14.39
C ILE B 330 -5.73 -2.33 15.26
N PHE B 331 -5.72 -2.15 16.60
CA PHE B 331 -6.17 -3.21 17.48
C PHE B 331 -7.66 -3.44 17.33
N HIS B 332 -8.44 -2.37 17.14
CA HIS B 332 -9.87 -2.47 16.94
C HIS B 332 -10.19 -3.29 15.71
N ILE B 333 -9.52 -2.98 14.59
CA ILE B 333 -9.74 -3.73 13.35
C ILE B 333 -9.43 -5.21 13.56
N ILE B 334 -8.27 -5.51 14.14
CA ILE B 334 -7.83 -6.90 14.31
C ILE B 334 -8.82 -7.65 15.18
N GLU B 335 -9.20 -7.06 16.32
CA GLU B 335 -10.06 -7.77 17.26
C GLU B 335 -11.45 -8.00 16.67
N HIS B 336 -11.92 -7.10 15.82
CA HIS B 336 -13.25 -7.25 15.24
C HIS B 336 -13.30 -8.25 14.09
N PHE B 337 -12.16 -8.77 13.63
CA PHE B 337 -12.15 -9.89 12.71
C PHE B 337 -12.50 -11.21 13.41
N CYS B 338 -12.42 -11.26 14.75
CA CYS B 338 -12.75 -12.46 15.53
C CYS B 338 -11.93 -13.69 15.08
N LEU B 339 -10.61 -13.54 15.14
CA LEU B 339 -9.70 -14.54 14.57
C LEU B 339 -9.19 -15.56 15.59
N GLY B 340 -9.59 -15.48 16.84
CA GLY B 340 -9.00 -16.30 17.88
C GLY B 340 -8.39 -15.45 18.98
N ARG B 341 -8.03 -16.13 20.05
CA ARG B 341 -7.69 -15.44 21.29
C ARG B 341 -6.21 -15.46 21.62
N ARG B 342 -5.39 -16.22 20.88
CA ARG B 342 -3.96 -16.23 21.11
C ARG B 342 -3.38 -15.12 20.24
N ARG B 343 -3.13 -13.95 20.83
CA ARG B 343 -2.77 -12.74 20.12
C ARG B 343 -1.42 -12.25 20.61
N LEU B 344 -0.46 -12.10 19.70
CA LEU B 344 0.91 -11.74 20.04
C LEU B 344 1.27 -10.40 19.42
N HIS B 345 1.85 -9.49 20.20
CA HIS B 345 2.32 -8.21 19.69
C HIS B 345 3.82 -8.15 19.90
N LEU B 346 4.58 -8.31 18.81
CA LEU B 346 6.03 -8.26 18.89
C LEU B 346 6.51 -6.85 18.66
N PHE B 347 7.47 -6.42 19.49
CA PHE B 347 7.96 -5.05 19.59
C PHE B 347 6.90 -4.09 20.13
N GLY B 348 5.94 -4.60 20.89
CA GLY B 348 5.11 -3.75 21.71
C GLY B 348 5.91 -3.10 22.83
N ARG B 349 5.26 -2.21 23.58
CA ARG B 349 5.91 -1.40 24.61
C ARG B 349 5.00 -1.37 25.83
N ASP B 350 5.48 -0.83 26.96
CA ASP B 350 4.59 -0.67 28.11
C ASP B 350 3.30 0.04 27.71
N SER B 351 3.42 1.03 26.82
CA SER B 351 2.29 1.86 26.40
C SER B 351 1.29 1.10 25.52
N THR B 352 1.65 -0.05 24.96
CA THR B 352 0.73 -0.77 24.09
C THR B 352 0.10 -1.98 24.75
N ILE B 353 0.46 -2.29 25.99
CA ILE B 353 -0.09 -3.48 26.63
C ILE B 353 -1.61 -3.34 26.75
N ARG B 354 -2.31 -4.45 26.51
CA ARG B 354 -3.72 -4.47 26.24
C ARG B 354 -4.32 -5.80 26.67
N PRO B 355 -5.52 -5.79 27.27
CA PRO B 355 -6.18 -7.07 27.57
C PRO B 355 -6.35 -7.86 26.27
N GLY B 356 -6.23 -9.18 26.38
CA GLY B 356 -6.39 -10.02 25.22
C GLY B 356 -5.14 -10.19 24.37
N TRP B 357 -4.02 -9.59 24.77
CA TRP B 357 -2.79 -9.63 24.01
C TRP B 357 -1.63 -10.04 24.89
N LEU B 358 -0.71 -10.82 24.29
CA LEU B 358 0.63 -11.04 24.82
C LEU B 358 1.57 -10.08 24.10
N THR B 359 2.19 -9.18 24.86
CA THR B 359 3.13 -8.19 24.32
C THR B 359 4.55 -8.58 24.65
N VAL B 360 5.41 -8.63 23.62
CA VAL B 360 6.81 -9.04 23.81
C VAL B 360 7.70 -8.00 23.14
N GLY B 361 8.66 -7.46 23.89
CA GLY B 361 9.52 -6.46 23.31
C GLY B 361 10.65 -6.07 24.23
N PRO B 362 11.69 -5.45 23.65
CA PRO B 362 12.91 -5.16 24.42
C PRO B 362 12.77 -4.03 25.42
N THR B 363 11.85 -3.09 25.22
CA THR B 363 11.78 -1.93 26.13
C THR B 363 10.79 -2.09 27.26
N LEU B 364 10.10 -3.23 27.36
CA LEU B 364 9.18 -3.44 28.47
CA LEU B 364 9.18 -3.41 28.47
C LEU B 364 9.93 -3.35 29.79
N THR B 365 9.33 -2.69 30.78
CA THR B 365 10.00 -2.55 32.07
C THR B 365 9.70 -3.72 33.00
N ASN B 366 8.60 -4.43 32.76
CA ASN B 366 8.14 -5.51 33.63
C ASN B 366 7.67 -6.65 32.77
N SER B 367 7.68 -7.86 33.34
CA SER B 367 7.09 -9.04 32.71
C SER B 367 6.17 -9.74 33.69
N ASN B 368 5.17 -10.42 33.13
CA ASN B 368 4.35 -11.36 33.88
C ASN B 368 4.14 -12.66 33.10
N TYR B 369 4.85 -12.87 31.99
CA TYR B 369 4.57 -14.02 31.13
C TYR B 369 5.02 -15.31 31.81
N ASN B 370 4.14 -16.30 31.81
CA ASN B 370 4.48 -17.67 32.16
C ASN B 370 3.80 -18.56 31.13
N ALA B 371 4.58 -19.37 30.43
CA ALA B 371 4.03 -20.15 29.32
C ALA B 371 2.92 -21.08 29.77
N GLU B 372 3.08 -21.69 30.94
CA GLU B 372 2.07 -22.62 31.41
C GLU B 372 0.79 -21.89 31.79
N THR B 373 0.93 -20.77 32.52
CA THR B 373 -0.23 -19.93 32.82
C THR B 373 -0.91 -19.44 31.54
N TYR B 374 -0.13 -18.96 30.59
CA TYR B 374 -0.74 -18.46 29.35
C TYR B 374 -1.49 -19.58 28.63
N ALA B 375 -0.87 -20.76 28.51
CA ALA B 375 -1.53 -21.87 27.82
C ALA B 375 -2.82 -22.28 28.52
N SER B 376 -2.88 -22.14 29.85
CA SER B 376 -4.10 -22.48 30.57
C SER B 376 -5.28 -21.60 30.18
N TYR B 377 -5.05 -20.40 29.61
CA TYR B 377 -6.20 -19.61 29.15
C TYR B 377 -6.91 -20.24 27.97
N PHE B 378 -6.25 -21.14 27.25
CA PHE B 378 -6.78 -21.69 26.01
C PHE B 378 -7.02 -23.19 26.08
N SER B 379 -6.83 -23.83 27.22
CA SER B 379 -7.12 -25.25 27.33
C SER B 379 -8.63 -25.47 27.26
N ALA B 380 -9.01 -26.70 26.90
CA ALA B 380 -10.41 -27.07 26.73
C ALA B 380 -11.22 -26.66 27.95
N PRO B 381 -12.50 -26.28 27.79
CA PRO B 381 -13.27 -26.23 26.54
C PRO B 381 -13.06 -24.95 25.70
N ASN B 382 -11.97 -24.22 25.93
CA ASN B 382 -11.79 -22.88 25.37
C ASN B 382 -10.77 -22.83 24.24
N SER B 383 -10.46 -23.97 23.59
CA SER B 383 -9.33 -24.02 22.68
C SER B 383 -9.59 -23.31 21.35
N TYR B 384 -10.85 -23.14 20.95
CA TYR B 384 -11.18 -22.71 19.60
C TYR B 384 -12.06 -21.48 19.56
N LEU B 385 -12.23 -20.78 20.67
CA LEU B 385 -13.07 -19.59 20.68
C LEU B 385 -12.50 -18.54 19.75
N THR B 386 -13.40 -17.76 19.15
CA THR B 386 -13.00 -16.68 18.25
C THR B 386 -12.61 -15.41 18.98
N GLY B 387 -12.92 -15.29 20.26
CA GLY B 387 -12.77 -14.01 20.92
C GLY B 387 -13.94 -13.07 20.72
N CYS B 388 -15.02 -13.53 20.08
CA CYS B 388 -16.21 -12.70 19.90
C CYS B 388 -17.49 -13.36 20.40
N THR B 389 -17.40 -14.48 21.12
CA THR B 389 -18.57 -15.17 21.63
C THR B 389 -18.54 -15.21 23.16
N GLU B 390 -19.67 -15.58 23.75
CA GLU B 390 -19.77 -15.62 25.20
C GLU B 390 -18.85 -16.69 25.78
N GLU B 391 -18.37 -16.45 27.00
CA GLU B 391 -17.53 -17.43 27.67
C GLU B 391 -18.30 -18.73 27.92
N ILE B 392 -17.55 -19.81 28.06
CA ILE B 392 -18.12 -21.14 28.32
C ILE B 392 -18.26 -21.31 29.83
N GLU B 393 -19.49 -21.54 30.29
CA GLU B 393 -19.75 -21.75 31.72
C GLU B 393 -19.01 -22.98 32.26
N SFG C . -7.47 4.24 -16.81
CA SFG C . -8.78 4.10 -17.40
C SFG C . -9.70 5.16 -16.86
O SFG C . -9.27 6.05 -16.05
OXT SFG C . -10.90 5.18 -17.23
CB SFG C . -9.37 2.69 -17.13
CG SFG C . -8.62 1.63 -17.95
CD SFG C . -9.32 0.29 -17.86
NE SFG C . -9.14 -0.22 -16.52
C5' SFG C . -8.67 -0.75 -18.84
C4' SFG C . -8.71 -0.28 -20.34
O4' SFG C . -7.87 -1.05 -21.03
C3' SFG C . -10.08 -0.48 -20.99
O3' SFG C . -10.31 0.53 -21.91
C2' SFG C . -9.87 -1.80 -21.78
O2' SFG C . -10.96 -1.95 -22.83
C1' SFG C . -8.71 -1.58 -22.30
N9 SFG C . -8.06 -2.82 -22.83
C8 SFG C . -8.30 -4.06 -22.49
N7 SFG C . -7.47 -4.87 -23.20
C5 SFG C . -6.72 -4.09 -23.97
C6 SFG C . -5.73 -4.38 -24.91
N6 SFG C . -5.21 -5.68 -25.28
N1 SFG C . -5.11 -3.41 -25.55
C2 SFG C . -5.48 -2.11 -25.32
N3 SFG C . -6.43 -1.82 -24.43
C4 SFG C . -7.06 -2.82 -23.76
C ACT D . 1.85 -12.03 -1.09
O ACT D . 0.68 -12.45 -0.87
OXT ACT D . 2.57 -12.24 -2.09
CH3 ACT D . 2.55 -11.15 0.02
#